data_6L19
#
_entry.id   6L19
#
_cell.length_a   128.915
_cell.length_b   128.915
_cell.length_c   56.277
_cell.angle_alpha   90.000
_cell.angle_beta   90.000
_cell.angle_gamma   90.000
#
_symmetry.space_group_name_H-M   'P 43 21 2'
#
loop_
_entity.id
_entity.type
_entity.pdbx_description
1 polymer 'PncC family amidohydrolase'
2 non-polymer 'CHLORIDE ION'
3 non-polymer 'SODIUM ION'
4 non-polymer GLYCEROL
5 water water
#
_entity_poly.entity_id   1
_entity_poly.type   'polypeptide(L)'
_entity_poly.pdbx_seq_one_letter_code
;MSNLFHDSNNTVGELTKKLASKLTDLGLRLTTAESCTGGKLSVALCAEENTAEFYDVGLVVFSDEAKMRILGVRPETLER
FTAVSEQTVTEMAASIRDIAQADISIAISGYAGPEGGDDGTAAGTVCFAWNIRGETETRTMLFSGDCQDVVEKAVHFSLA
ELLAALSDEDNG
;
_entity_poly.pdbx_strand_id   A,B
#
# COMPACT_ATOMS: atom_id res chain seq x y z
N SER A 8 -20.36 -12.07 9.88
CA SER A 8 -21.34 -11.93 10.96
C SER A 8 -21.77 -10.47 11.16
N ASN A 9 -22.13 -9.76 10.08
CA ASN A 9 -22.53 -8.34 10.15
C ASN A 9 -21.50 -7.51 10.92
N ASN A 10 -20.27 -7.53 10.43
CA ASN A 10 -19.18 -6.78 11.01
C ASN A 10 -18.73 -5.70 10.04
N THR A 11 -18.44 -4.52 10.58
CA THR A 11 -17.75 -3.52 9.78
C THR A 11 -16.28 -3.95 9.58
N VAL A 12 -15.61 -3.25 8.67
CA VAL A 12 -14.19 -3.51 8.45
C VAL A 12 -13.39 -3.23 9.70
N GLY A 13 -13.77 -2.18 10.44
CA GLY A 13 -13.10 -1.88 11.70
C GLY A 13 -13.27 -2.98 12.72
N GLU A 14 -14.45 -3.60 12.74
CA GLU A 14 -14.63 -4.74 13.64
C GLU A 14 -13.78 -5.93 13.19
N LEU A 15 -13.70 -6.17 11.87
CA LEU A 15 -12.91 -7.31 11.38
C LEU A 15 -11.43 -7.15 11.71
N THR A 16 -10.88 -5.95 11.50
CA THR A 16 -9.46 -5.74 11.80
C THR A 16 -9.18 -5.83 13.30
N LYS A 17 -10.13 -5.42 14.14
CA LYS A 17 -9.88 -5.56 15.57
C LYS A 17 -9.88 -7.02 15.98
N LYS A 18 -10.81 -7.81 15.43
CA LYS A 18 -10.79 -9.24 15.73
C LYS A 18 -9.54 -9.91 15.15
N LEU A 19 -9.17 -9.53 13.93
CA LEU A 19 -7.98 -10.11 13.32
C LEU A 19 -6.73 -9.74 14.11
N ALA A 20 -6.63 -8.49 14.57
CA ALA A 20 -5.50 -8.06 15.40
C ALA A 20 -5.31 -9.00 16.60
N SER A 21 -6.40 -9.32 17.28
CA SER A 21 -6.30 -10.17 18.46
C SER A 21 -5.94 -11.61 18.08
N LYS A 22 -6.55 -12.15 17.01
CA LYS A 22 -6.16 -13.49 16.55
C LYS A 22 -4.68 -13.54 16.19
N LEU A 23 -4.16 -12.51 15.52
CA LEU A 23 -2.77 -12.54 15.05
C LEU A 23 -1.79 -12.33 16.20
N THR A 24 -2.02 -11.29 17.03
CA THR A 24 -1.09 -11.02 18.11
C THR A 24 -1.05 -12.16 19.12
N ASP A 25 -2.15 -12.89 19.28
CA ASP A 25 -2.15 -14.04 20.19
C ASP A 25 -1.02 -15.03 19.87
N LEU A 26 -0.72 -15.21 18.58
CA LEU A 26 0.28 -16.18 18.14
C LEU A 26 1.52 -15.51 17.57
N GLY A 27 1.70 -14.21 17.80
CA GLY A 27 2.79 -13.48 17.17
C GLY A 27 2.79 -13.54 15.66
N LEU A 28 1.64 -13.77 15.02
CA LEU A 28 1.57 -13.85 13.57
C LEU A 28 1.81 -12.48 12.93
N ARG A 29 2.57 -12.47 11.85
CA ARG A 29 2.83 -11.25 11.09
C ARG A 29 2.16 -11.34 9.72
N LEU A 30 1.50 -10.25 9.32
CA LEU A 30 0.65 -10.18 8.15
C LEU A 30 1.22 -9.18 7.16
N THR A 31 1.09 -9.48 5.88
CA THR A 31 1.50 -8.58 4.80
C THR A 31 0.47 -8.70 3.69
N THR A 32 0.40 -7.68 2.84
CA THR A 32 -0.63 -7.61 1.79
C THR A 32 -0.05 -7.11 0.48
N ALA A 33 -0.63 -7.60 -0.62
CA ALA A 33 -0.35 -7.08 -1.96
C ALA A 33 -1.67 -6.87 -2.68
N GLU A 34 -1.93 -5.63 -3.10
CA GLU A 34 -3.23 -5.22 -3.62
C GLU A 34 -3.08 -4.75 -5.06
N SER A 35 -3.89 -5.32 -5.95
CA SER A 35 -3.92 -4.85 -7.33
C SER A 35 -5.38 -4.77 -7.76
N CYS A 36 -6.05 -3.73 -7.27
CA CYS A 36 -7.49 -3.59 -7.46
C CYS A 36 -8.00 -2.59 -6.42
N THR A 37 -7.64 -2.81 -5.17
CA THR A 37 -8.19 -2.05 -4.06
C THR A 37 -7.41 -0.77 -3.74
N GLY A 38 -6.32 -0.48 -4.44
CA GLY A 38 -5.65 0.81 -4.39
C GLY A 38 -5.00 1.19 -3.06
N GLY A 39 -4.85 0.24 -2.14
CA GLY A 39 -4.30 0.53 -0.82
C GLY A 39 -5.34 0.58 0.27
N LYS A 40 -6.63 0.45 -0.06
CA LYS A 40 -7.66 0.49 0.97
C LYS A 40 -7.47 -0.64 1.98
N LEU A 41 -6.97 -1.81 1.55
CA LEU A 41 -6.74 -2.90 2.51
C LEU A 41 -5.64 -2.51 3.49
N SER A 42 -4.54 -1.97 2.98
CA SER A 42 -3.47 -1.46 3.84
C SER A 42 -3.98 -0.42 4.84
N VAL A 43 -4.78 0.53 4.36
CA VAL A 43 -5.32 1.58 5.24
C VAL A 43 -6.14 0.96 6.35
N ALA A 44 -7.01 0.00 5.99
CA ALA A 44 -7.80 -0.67 7.01
C ALA A 44 -6.90 -1.30 8.07
N LEU A 45 -5.83 -1.99 7.65
CA LEU A 45 -4.98 -2.67 8.62
C LEU A 45 -4.15 -1.68 9.44
N CYS A 46 -3.77 -0.55 8.85
CA CYS A 46 -3.00 0.46 9.57
C CYS A 46 -3.88 1.28 10.52
N ALA A 47 -5.20 1.26 10.33
CA ALA A 47 -6.09 1.99 11.23
C ALA A 47 -6.27 1.29 12.58
N GLU A 48 -5.90 0.01 12.70
CA GLU A 48 -6.09 -0.68 13.98
C GLU A 48 -5.09 -0.13 15.00
N GLU A 49 -5.55 0.00 16.25
CA GLU A 49 -4.75 0.64 17.29
C GLU A 49 -3.40 -0.07 17.47
N ASN A 50 -3.39 -1.41 17.38
CA ASN A 50 -2.19 -2.20 17.62
C ASN A 50 -1.53 -2.66 16.32
N THR A 51 -1.74 -1.91 15.22
CA THR A 51 -1.31 -2.36 13.90
C THR A 51 0.19 -2.71 13.88
N ALA A 52 1.02 -1.95 14.61
CA ALA A 52 2.45 -2.20 14.57
C ALA A 52 2.84 -3.55 15.15
N GLU A 53 1.98 -4.17 15.96
CA GLU A 53 2.31 -5.50 16.48
C GLU A 53 2.05 -6.63 15.49
N PHE A 54 1.42 -6.38 14.33
CA PHE A 54 1.15 -7.51 13.45
C PHE A 54 1.24 -7.20 11.96
N TYR A 55 1.41 -5.94 11.59
CA TYR A 55 1.36 -5.53 10.19
C TYR A 55 2.53 -4.62 9.88
N ASP A 56 3.27 -4.95 8.82
CA ASP A 56 4.46 -4.17 8.49
C ASP A 56 4.40 -3.67 7.06
N VAL A 57 4.35 -4.59 6.09
CA VAL A 57 4.56 -4.26 4.68
C VAL A 57 3.25 -4.41 3.90
N GLY A 58 2.91 -3.38 3.13
CA GLY A 58 1.81 -3.45 2.19
C GLY A 58 2.28 -2.97 0.84
N LEU A 59 1.94 -3.71 -0.21
CA LEU A 59 2.30 -3.32 -1.57
C LEU A 59 1.06 -3.06 -2.38
N VAL A 60 1.10 -2.02 -3.21
CA VAL A 60 0.06 -1.71 -4.19
C VAL A 60 0.73 -1.71 -5.57
N VAL A 61 0.16 -2.44 -6.52
CA VAL A 61 0.65 -2.43 -7.89
C VAL A 61 -0.54 -2.44 -8.85
N PHE A 62 -0.41 -1.70 -9.94
CA PHE A 62 -1.46 -1.73 -10.95
C PHE A 62 -1.13 -2.68 -12.10
N SER A 63 0.06 -2.56 -12.70
CA SER A 63 0.31 -3.16 -14.01
C SER A 63 0.72 -4.64 -13.93
N ASP A 64 0.59 -5.32 -15.08
CA ASP A 64 1.12 -6.68 -15.23
C ASP A 64 2.64 -6.70 -15.06
N GLU A 65 3.33 -5.74 -15.68
CA GLU A 65 4.78 -5.73 -15.57
C GLU A 65 5.24 -5.57 -14.13
N ALA A 66 4.53 -4.76 -13.34
CA ALA A 66 4.92 -4.57 -11.94
C ALA A 66 4.71 -5.86 -11.14
N LYS A 67 3.59 -6.56 -11.38
CA LYS A 67 3.41 -7.88 -10.76
C LYS A 67 4.58 -8.80 -11.10
N MET A 68 5.04 -8.74 -12.35
CA MET A 68 6.13 -9.59 -12.82
C MET A 68 7.46 -9.20 -12.15
N ARG A 69 7.82 -7.91 -12.20
CA ARG A 69 9.14 -7.49 -11.72
C ARG A 69 9.20 -7.38 -10.20
N ILE A 70 8.15 -6.87 -9.56
CA ILE A 70 8.23 -6.65 -8.13
C ILE A 70 7.80 -7.89 -7.35
N LEU A 71 6.75 -8.57 -7.78
CA LEU A 71 6.25 -9.75 -7.10
C LEU A 71 6.70 -11.05 -7.78
N GLY A 72 7.51 -10.97 -8.82
CA GLY A 72 8.01 -12.21 -9.40
C GLY A 72 6.97 -13.10 -10.03
N VAL A 73 5.78 -12.56 -10.36
CA VAL A 73 4.81 -13.36 -11.10
C VAL A 73 5.43 -13.77 -12.44
N ARG A 74 5.25 -15.03 -12.81
CA ARG A 74 5.89 -15.56 -14.02
C ARG A 74 5.21 -14.99 -15.28
N PRO A 75 5.98 -14.65 -16.32
CA PRO A 75 5.33 -14.19 -17.57
C PRO A 75 4.33 -15.19 -18.11
N GLU A 76 4.66 -16.48 -18.02
CA GLU A 76 3.78 -17.52 -18.53
C GLU A 76 2.47 -17.57 -17.77
N THR A 77 2.51 -17.37 -16.45
CA THR A 77 1.28 -17.27 -15.67
C THR A 77 0.42 -16.12 -16.17
N LEU A 78 1.03 -14.96 -16.41
CA LEU A 78 0.26 -13.82 -16.89
C LEU A 78 -0.32 -14.09 -18.28
N GLU A 79 0.45 -14.73 -19.16
CA GLU A 79 -0.05 -14.99 -20.52
CA GLU A 79 -0.05 -15.00 -20.51
C GLU A 79 -1.15 -16.05 -20.50
N ARG A 80 -0.98 -17.13 -19.74
CA ARG A 80 -1.97 -18.20 -19.75
C ARG A 80 -3.25 -17.83 -19.00
N PHE A 81 -3.14 -17.11 -17.87
CA PHE A 81 -4.29 -16.93 -17.00
C PHE A 81 -4.70 -15.49 -16.77
N THR A 82 -3.92 -14.52 -17.26
CA THR A 82 -4.08 -13.08 -16.98
C THR A 82 -3.78 -12.76 -15.51
N ALA A 83 -3.64 -11.46 -15.23
CA ALA A 83 -3.39 -11.01 -13.87
C ALA A 83 -4.56 -11.27 -12.95
N VAL A 84 -5.77 -11.38 -13.49
CA VAL A 84 -6.95 -11.64 -12.66
C VAL A 84 -7.23 -13.13 -12.74
N SER A 85 -6.66 -13.87 -11.82
CA SER A 85 -6.73 -15.33 -11.81
C SER A 85 -6.20 -15.79 -10.48
N GLU A 86 -6.64 -16.99 -10.09
CA GLU A 86 -6.15 -17.61 -8.86
C GLU A 86 -4.68 -18.00 -8.97
N GLN A 87 -4.22 -18.32 -10.17
CA GLN A 87 -2.79 -18.61 -10.36
C GLN A 87 -1.93 -17.37 -10.08
N THR A 88 -2.35 -16.21 -10.61
CA THR A 88 -1.57 -15.01 -10.40
C THR A 88 -1.55 -14.59 -8.92
N VAL A 89 -2.70 -14.63 -8.24
CA VAL A 89 -2.71 -14.19 -6.84
C VAL A 89 -1.96 -15.16 -5.94
N THR A 90 -1.94 -16.45 -6.29
CA THR A 90 -1.11 -17.39 -5.55
C THR A 90 0.35 -16.97 -5.61
N GLU A 91 0.82 -16.60 -6.80
CA GLU A 91 2.22 -16.17 -6.92
C GLU A 91 2.44 -14.85 -6.20
N MET A 92 1.50 -13.91 -6.32
CA MET A 92 1.65 -12.64 -5.61
C MET A 92 1.75 -12.87 -4.09
N ALA A 93 0.92 -13.78 -3.55
CA ALA A 93 0.87 -13.99 -2.12
C ALA A 93 2.14 -14.65 -1.60
N ALA A 94 2.68 -15.62 -2.36
CA ALA A 94 3.94 -16.24 -2.00
C ALA A 94 5.08 -15.22 -1.96
N SER A 95 5.17 -14.37 -3.01
CA SER A 95 6.28 -13.42 -3.08
C SER A 95 6.22 -12.38 -1.98
N ILE A 96 5.06 -11.73 -1.79
CA ILE A 96 4.99 -10.67 -0.79
C ILE A 96 5.25 -11.24 0.61
N ARG A 97 4.81 -12.47 0.86
CA ARG A 97 5.12 -13.10 2.14
C ARG A 97 6.63 -13.22 2.34
N ASP A 98 7.36 -13.61 1.30
N ASP A 98 7.35 -13.61 1.29
CA ASP A 98 8.81 -13.67 1.42
CA ASP A 98 8.80 -13.68 1.34
C ASP A 98 9.43 -12.28 1.52
C ASP A 98 9.42 -12.31 1.51
N ILE A 99 8.97 -11.34 0.71
CA ILE A 99 9.53 -9.99 0.76
C ILE A 99 9.34 -9.38 2.14
N ALA A 100 8.19 -9.60 2.75
CA ALA A 100 7.94 -8.99 4.05
C ALA A 100 8.43 -9.84 5.21
N GLN A 101 8.89 -11.06 4.93
CA GLN A 101 9.22 -12.02 5.99
C GLN A 101 8.04 -12.17 6.94
N ALA A 102 6.86 -12.40 6.37
CA ALA A 102 5.64 -12.48 7.15
C ALA A 102 5.19 -13.92 7.29
N ASP A 103 4.27 -14.14 8.25
CA ASP A 103 3.67 -15.47 8.39
C ASP A 103 2.50 -15.67 7.46
N ILE A 104 1.78 -14.60 7.17
CA ILE A 104 0.51 -14.64 6.45
C ILE A 104 0.50 -13.52 5.43
N SER A 105 0.03 -13.82 4.21
CA SER A 105 -0.13 -12.80 3.19
C SER A 105 -1.52 -12.91 2.56
N ILE A 106 -2.02 -11.75 2.12
CA ILE A 106 -3.23 -11.65 1.32
C ILE A 106 -2.84 -10.99 0.02
N ALA A 107 -3.28 -11.56 -1.09
CA ALA A 107 -3.12 -10.93 -2.40
C ALA A 107 -4.50 -10.76 -3.02
N ILE A 108 -4.71 -9.61 -3.65
CA ILE A 108 -5.97 -9.30 -4.32
C ILE A 108 -5.63 -8.81 -5.72
N SER A 109 -6.28 -9.38 -6.74
CA SER A 109 -6.14 -8.84 -8.08
C SER A 109 -7.49 -8.98 -8.78
N GLY A 110 -8.00 -7.87 -9.31
CA GLY A 110 -9.34 -7.91 -9.86
C GLY A 110 -9.59 -6.74 -10.80
N TYR A 111 -10.79 -6.72 -11.39
CA TYR A 111 -11.26 -5.64 -12.26
C TYR A 111 -12.28 -4.85 -11.44
N ALA A 112 -11.84 -3.74 -10.83
CA ALA A 112 -12.79 -3.01 -10.00
C ALA A 112 -13.86 -2.30 -10.83
N GLY A 113 -13.56 -2.01 -12.10
CA GLY A 113 -14.53 -1.41 -12.99
C GLY A 113 -14.21 0.05 -13.25
N PRO A 114 -14.92 0.68 -14.20
CA PRO A 114 -16.09 0.14 -14.92
C PRO A 114 -15.76 -0.92 -15.99
N GLU A 115 -14.53 -0.90 -16.49
CA GLU A 115 -14.13 -1.80 -17.57
C GLU A 115 -13.85 -3.20 -17.02
N GLY A 116 -14.05 -4.20 -17.86
CA GLY A 116 -13.70 -5.58 -17.55
C GLY A 116 -12.36 -5.96 -18.15
N GLY A 117 -12.12 -7.27 -18.23
CA GLY A 117 -10.91 -7.74 -18.86
C GLY A 117 -11.03 -7.78 -20.37
N ASP A 118 -9.90 -7.58 -21.05
CA ASP A 118 -9.89 -7.69 -22.51
C ASP A 118 -10.33 -9.07 -22.97
N ASP A 119 -10.25 -10.07 -22.10
CA ASP A 119 -10.71 -11.42 -22.39
C ASP A 119 -12.20 -11.60 -22.09
N GLY A 120 -12.91 -10.52 -21.77
CA GLY A 120 -14.33 -10.62 -21.50
C GLY A 120 -14.73 -10.94 -20.07
N THR A 121 -13.77 -10.99 -19.14
CA THR A 121 -14.13 -11.13 -17.73
C THR A 121 -14.88 -9.87 -17.27
N ALA A 122 -16.02 -10.08 -16.61
CA ALA A 122 -16.86 -8.96 -16.20
C ALA A 122 -16.13 -8.07 -15.22
N ALA A 123 -16.40 -6.76 -15.32
CA ALA A 123 -16.07 -5.84 -14.26
C ALA A 123 -16.64 -6.35 -12.95
N GLY A 124 -15.89 -6.14 -11.86
CA GLY A 124 -16.32 -6.63 -10.57
C GLY A 124 -15.79 -8.01 -10.23
N THR A 125 -15.12 -8.67 -11.15
CA THR A 125 -14.49 -9.96 -10.86
C THR A 125 -13.19 -9.73 -10.10
N VAL A 126 -13.06 -10.36 -8.93
CA VAL A 126 -11.88 -10.17 -8.08
C VAL A 126 -11.40 -11.54 -7.60
N CYS A 127 -10.09 -11.78 -7.70
CA CYS A 127 -9.45 -12.99 -7.20
C CYS A 127 -8.64 -12.69 -5.94
N PHE A 128 -8.63 -13.66 -5.04
CA PHE A 128 -8.03 -13.54 -3.73
C PHE A 128 -7.14 -14.74 -3.46
N ALA A 129 -6.01 -14.51 -2.79
CA ALA A 129 -5.22 -15.59 -2.22
C ALA A 129 -4.90 -15.25 -0.78
N TRP A 130 -4.98 -16.26 0.10
CA TRP A 130 -4.51 -16.16 1.47
C TRP A 130 -3.47 -17.24 1.67
N ASN A 131 -2.23 -16.83 1.95
CA ASN A 131 -1.14 -17.76 2.21
C ASN A 131 -0.89 -17.69 3.71
N ILE A 132 -1.22 -18.77 4.42
CA ILE A 132 -1.07 -18.86 5.87
C ILE A 132 0.07 -19.85 6.13
N ARG A 133 1.24 -19.31 6.46
CA ARG A 133 2.46 -20.10 6.71
C ARG A 133 2.63 -21.22 5.69
N GLY A 134 2.57 -20.86 4.41
CA GLY A 134 2.93 -21.78 3.35
C GLY A 134 1.78 -22.51 2.68
N GLU A 135 0.58 -22.47 3.26
CA GLU A 135 -0.61 -23.08 2.65
C GLU A 135 -1.52 -21.97 2.12
N THR A 136 -1.90 -22.08 0.85
CA THR A 136 -2.64 -21.03 0.17
C THR A 136 -4.04 -21.51 -0.17
N GLU A 137 -5.03 -20.69 0.16
CA GLU A 137 -6.40 -20.81 -0.30
C GLU A 137 -6.66 -19.69 -1.31
N THR A 138 -7.45 -19.98 -2.33
CA THR A 138 -7.81 -18.95 -3.31
C THR A 138 -9.32 -18.97 -3.52
N ARG A 139 -9.86 -17.80 -3.88
N ARG A 139 -9.85 -17.82 -3.93
CA ARG A 139 -11.27 -17.63 -4.22
CA ARG A 139 -11.25 -17.74 -4.30
C ARG A 139 -11.40 -16.64 -5.36
C ARG A 139 -11.44 -16.62 -5.32
N THR A 140 -12.51 -16.76 -6.10
CA THR A 140 -12.91 -15.75 -7.08
C THR A 140 -14.32 -15.29 -6.72
N MET A 141 -14.54 -13.99 -6.76
CA MET A 141 -15.85 -13.41 -6.45
C MET A 141 -16.23 -12.46 -7.56
N LEU A 142 -17.52 -12.36 -7.83
CA LEU A 142 -18.04 -11.30 -8.70
C LEU A 142 -18.85 -10.34 -7.84
N PHE A 143 -18.39 -9.10 -7.72
CA PHE A 143 -19.02 -8.09 -6.87
C PHE A 143 -19.82 -7.12 -7.73
N SER A 144 -21.05 -6.83 -7.29
CA SER A 144 -21.88 -5.83 -7.96
C SER A 144 -21.49 -4.41 -7.53
N GLY A 145 -21.80 -3.44 -8.39
CA GLY A 145 -21.72 -2.03 -8.05
C GLY A 145 -20.63 -1.32 -8.83
N ASP A 146 -20.43 -0.05 -8.48
CA ASP A 146 -19.39 0.71 -9.14
C ASP A 146 -18.03 0.35 -8.52
N CYS A 147 -16.97 0.99 -9.05
CA CYS A 147 -15.64 0.58 -8.65
CA CYS A 147 -15.60 0.64 -8.65
C CYS A 147 -15.40 0.78 -7.15
N GLN A 148 -15.96 1.85 -6.55
CA GLN A 148 -15.79 2.02 -5.12
C GLN A 148 -16.52 0.94 -4.34
N ASP A 149 -17.71 0.52 -4.81
CA ASP A 149 -18.44 -0.56 -4.14
C ASP A 149 -17.64 -1.86 -4.19
N VAL A 150 -17.08 -2.18 -5.36
CA VAL A 150 -16.31 -3.42 -5.54
C VAL A 150 -15.11 -3.43 -4.58
N VAL A 151 -14.38 -2.32 -4.55
CA VAL A 151 -13.23 -2.19 -3.67
C VAL A 151 -13.64 -2.39 -2.22
N GLU A 152 -14.73 -1.74 -1.80
CA GLU A 152 -15.15 -1.87 -0.40
C GLU A 152 -15.48 -3.33 -0.06
N LYS A 153 -16.19 -4.01 -0.95
CA LYS A 153 -16.56 -5.40 -0.71
C LYS A 153 -15.35 -6.33 -0.75
N ALA A 154 -14.42 -6.07 -1.67
CA ALA A 154 -13.20 -6.87 -1.77
C ALA A 154 -12.37 -6.76 -0.49
N VAL A 155 -12.22 -5.54 0.04
CA VAL A 155 -11.50 -5.36 1.31
C VAL A 155 -12.19 -6.14 2.42
N HIS A 156 -13.51 -5.99 2.53
CA HIS A 156 -14.25 -6.67 3.59
C HIS A 156 -14.12 -8.19 3.46
N PHE A 157 -14.23 -8.69 2.23
CA PHE A 157 -14.18 -10.14 2.02
C PHE A 157 -12.80 -10.70 2.34
N SER A 158 -11.75 -10.00 1.91
CA SER A 158 -10.39 -10.47 2.17
C SER A 158 -10.14 -10.62 3.68
N LEU A 159 -10.71 -9.72 4.48
CA LEU A 159 -10.50 -9.76 5.93
C LEU A 159 -11.41 -10.79 6.59
N ALA A 160 -12.68 -10.83 6.17
CA ALA A 160 -13.61 -11.78 6.76
C ALA A 160 -13.16 -13.22 6.51
N GLU A 161 -12.67 -13.51 5.31
CA GLU A 161 -12.22 -14.87 5.01
C GLU A 161 -10.98 -15.24 5.81
N LEU A 162 -10.04 -14.31 5.98
CA LEU A 162 -8.88 -14.62 6.82
C LEU A 162 -9.33 -14.89 8.25
N LEU A 163 -10.21 -14.04 8.79
CA LEU A 163 -10.71 -14.26 10.14
C LEU A 163 -11.43 -15.60 10.24
N ALA A 164 -12.21 -15.97 9.20
CA ALA A 164 -12.87 -17.27 9.19
C ALA A 164 -11.87 -18.41 9.22
N ALA A 165 -10.82 -18.33 8.40
CA ALA A 165 -9.78 -19.36 8.36
C ALA A 165 -9.09 -19.53 9.71
N LEU A 166 -9.09 -18.52 10.57
CA LEU A 166 -8.43 -18.58 11.86
C LEU A 166 -9.41 -18.77 13.01
N SER A 167 -10.62 -19.24 12.74
CA SER A 167 -11.69 -19.28 13.73
C SER A 167 -11.82 -20.68 14.33
N ASP A 168 -12.11 -20.72 15.64
CA ASP A 168 -12.39 -21.98 16.32
C ASP A 168 -13.64 -22.67 15.78
N GLU A 169 -14.53 -21.93 15.11
CA GLU A 169 -15.78 -22.47 14.62
C GLU A 169 -15.64 -23.19 13.29
N ASP A 170 -14.46 -23.16 12.67
CA ASP A 170 -14.29 -23.72 11.33
C ASP A 170 -14.17 -25.24 11.37
N ASN A 171 -14.75 -25.87 10.36
CA ASN A 171 -14.92 -27.33 10.34
C ASN A 171 -14.76 -27.87 8.93
N ASN B 9 -8.53 25.35 0.51
CA ASN B 9 -8.53 25.90 -0.85
C ASN B 9 -8.36 24.80 -1.93
N ASN B 10 -7.55 23.78 -1.67
CA ASN B 10 -7.55 22.58 -2.51
C ASN B 10 -7.76 21.34 -1.65
N THR B 11 -8.78 20.55 -1.97
CA THR B 11 -8.93 19.25 -1.34
C THR B 11 -7.88 18.28 -1.91
N VAL B 12 -7.70 17.13 -1.23
CA VAL B 12 -6.80 16.12 -1.76
C VAL B 12 -7.24 15.68 -3.15
N GLY B 13 -8.56 15.55 -3.36
CA GLY B 13 -9.06 15.15 -4.66
C GLY B 13 -8.77 16.16 -5.75
N GLU B 14 -8.87 17.45 -5.43
CA GLU B 14 -8.48 18.49 -6.39
C GLU B 14 -6.99 18.41 -6.70
N LEU B 15 -6.17 18.16 -5.67
CA LEU B 15 -4.74 18.05 -5.90
C LEU B 15 -4.41 16.86 -6.80
N THR B 16 -5.00 15.70 -6.52
CA THR B 16 -4.65 14.54 -7.33
C THR B 16 -5.12 14.71 -8.76
N LYS B 17 -6.24 15.40 -8.96
CA LYS B 17 -6.70 15.65 -10.33
C LYS B 17 -5.73 16.56 -11.07
N LYS B 18 -5.27 17.62 -10.42
CA LYS B 18 -4.29 18.51 -11.04
C LYS B 18 -2.98 17.79 -11.30
N LEU B 19 -2.50 17.04 -10.32
CA LEU B 19 -1.26 16.29 -10.49
C LEU B 19 -1.39 15.27 -11.61
N ALA B 20 -2.51 14.56 -11.67
CA ALA B 20 -2.71 13.58 -12.74
C ALA B 20 -2.59 14.24 -14.11
N SER B 21 -3.24 15.38 -14.27
CA SER B 21 -3.23 16.09 -15.54
C SER B 21 -1.81 16.52 -15.90
N LYS B 22 -1.08 17.06 -14.92
CA LYS B 22 0.29 17.49 -15.15
C LYS B 22 1.21 16.33 -15.49
N LEU B 23 1.12 15.24 -14.73
CA LEU B 23 2.01 14.09 -14.95
C LEU B 23 1.75 13.44 -16.30
N THR B 24 0.47 13.22 -16.63
CA THR B 24 0.16 12.58 -17.90
C THR B 24 0.57 13.46 -19.07
N ASP B 25 0.40 14.78 -18.92
CA ASP B 25 0.83 15.71 -19.95
C ASP B 25 2.33 15.63 -20.17
N LEU B 26 3.10 15.53 -19.07
CA LEU B 26 4.54 15.41 -19.18
C LEU B 26 5.02 13.98 -19.40
N GLY B 27 4.12 13.01 -19.53
CA GLY B 27 4.52 11.61 -19.72
C GLY B 27 5.31 11.01 -18.58
N LEU B 28 5.06 11.44 -17.34
CA LEU B 28 5.86 11.04 -16.20
C LEU B 28 5.15 10.02 -15.32
N ARG B 29 5.94 9.21 -14.62
CA ARG B 29 5.45 8.14 -13.78
C ARG B 29 5.85 8.42 -12.33
N LEU B 30 4.90 8.19 -11.41
CA LEU B 30 5.06 8.45 -9.99
C LEU B 30 5.04 7.14 -9.20
N THR B 31 5.80 7.11 -8.10
CA THR B 31 5.73 6.02 -7.15
C THR B 31 5.84 6.58 -5.73
N THR B 32 5.42 5.81 -4.74
CA THR B 32 5.36 6.30 -3.36
C THR B 32 5.82 5.24 -2.37
N ALA B 33 6.46 5.69 -1.28
CA ALA B 33 6.82 4.86 -0.14
C ALA B 33 6.37 5.55 1.14
N GLU B 34 5.49 4.90 1.90
CA GLU B 34 4.79 5.52 3.03
C GLU B 34 5.15 4.80 4.32
N SER B 35 5.74 5.53 5.26
CA SER B 35 6.03 5.00 6.58
C SER B 35 5.47 5.96 7.64
N CYS B 36 4.13 6.04 7.70
CA CYS B 36 3.46 7.01 8.55
C CYS B 36 1.97 7.07 8.19
N THR B 37 1.69 7.25 6.92
CA THR B 37 0.36 7.51 6.42
C THR B 37 -0.43 6.25 6.08
N GLY B 38 0.16 5.06 6.21
CA GLY B 38 -0.60 3.82 6.19
C GLY B 38 -1.23 3.44 4.87
N GLY B 39 -0.81 4.05 3.75
CA GLY B 39 -1.43 3.77 2.47
C GLY B 39 -2.41 4.83 2.02
N LYS B 40 -2.69 5.83 2.85
CA LYS B 40 -3.63 6.89 2.47
C LYS B 40 -3.13 7.66 1.26
N LEU B 41 -1.82 7.83 1.11
CA LEU B 41 -1.31 8.51 -0.07
C LEU B 41 -1.58 7.67 -1.32
N SER B 42 -1.27 6.37 -1.26
CA SER B 42 -1.64 5.47 -2.35
C SER B 42 -3.13 5.56 -2.69
N VAL B 43 -3.99 5.51 -1.67
CA VAL B 43 -5.43 5.53 -1.91
C VAL B 43 -5.83 6.80 -2.65
N ALA B 44 -5.30 7.96 -2.23
CA ALA B 44 -5.68 9.20 -2.91
C ALA B 44 -5.27 9.16 -4.38
N LEU B 45 -4.10 8.59 -4.69
CA LEU B 45 -3.62 8.58 -6.06
C LEU B 45 -4.38 7.59 -6.92
N CYS B 46 -4.76 6.44 -6.35
CA CYS B 46 -5.61 5.50 -7.08
C CYS B 46 -7.04 5.97 -7.22
N ALA B 47 -7.48 6.95 -6.45
CA ALA B 47 -8.86 7.43 -6.60
C ALA B 47 -9.08 8.17 -7.91
N GLU B 48 -8.01 8.55 -8.60
CA GLU B 48 -8.15 9.31 -9.84
C GLU B 48 -8.68 8.42 -10.96
N GLU B 49 -9.49 9.04 -11.83
CA GLU B 49 -10.12 8.33 -12.94
C GLU B 49 -9.10 7.58 -13.78
N ASN B 50 -7.99 8.24 -14.11
CA ASN B 50 -6.97 7.67 -14.96
C ASN B 50 -5.67 7.45 -14.18
N THR B 51 -5.79 6.90 -12.97
CA THR B 51 -4.59 6.64 -12.17
C THR B 51 -3.61 5.71 -12.89
N ALA B 52 -4.11 4.78 -13.70
CA ALA B 52 -3.26 3.79 -14.35
C ALA B 52 -2.17 4.42 -15.23
N GLU B 53 -2.42 5.59 -15.83
CA GLU B 53 -1.47 6.14 -16.77
C GLU B 53 -0.32 6.92 -16.10
N PHE B 54 -0.32 7.11 -14.77
CA PHE B 54 0.79 7.81 -14.14
C PHE B 54 1.28 7.22 -12.83
N TYR B 55 0.60 6.21 -12.27
CA TYR B 55 0.93 5.69 -10.94
C TYR B 55 0.78 4.19 -10.96
N ASP B 56 1.81 3.47 -10.54
CA ASP B 56 1.79 2.02 -10.61
C ASP B 56 2.05 1.40 -9.24
N VAL B 57 3.16 1.76 -8.61
CA VAL B 57 3.67 1.09 -7.41
C VAL B 57 3.56 2.00 -6.20
N GLY B 58 2.91 1.53 -5.16
CA GLY B 58 2.98 2.17 -3.86
C GLY B 58 3.38 1.16 -2.80
N LEU B 59 4.29 1.59 -1.93
CA LEU B 59 4.78 0.77 -0.83
C LEU B 59 4.38 1.38 0.51
N VAL B 60 3.98 0.53 1.45
CA VAL B 60 3.73 0.88 2.83
C VAL B 60 4.65 0.02 3.69
N VAL B 61 5.43 0.65 4.57
CA VAL B 61 6.33 -0.07 5.47
C VAL B 61 6.34 0.59 6.84
N PHE B 62 6.34 -0.21 7.89
CA PHE B 62 6.44 0.32 9.25
C PHE B 62 7.84 0.20 9.84
N SER B 63 8.49 -0.96 9.72
CA SER B 63 9.65 -1.26 10.54
C SER B 63 10.96 -0.70 9.97
N ASP B 64 11.94 -0.51 10.84
CA ASP B 64 13.30 -0.22 10.39
C ASP B 64 13.84 -1.37 9.54
N GLU B 65 13.60 -2.61 10.00
CA GLU B 65 14.06 -3.79 9.29
C GLU B 65 13.56 -3.79 7.85
N ALA B 66 12.27 -3.53 7.65
CA ALA B 66 11.72 -3.48 6.30
C ALA B 66 12.36 -2.36 5.48
N LYS B 67 12.59 -1.20 6.08
CA LYS B 67 13.25 -0.13 5.34
C LYS B 67 14.65 -0.55 4.86
N MET B 68 15.40 -1.23 5.72
CA MET B 68 16.73 -1.69 5.34
C MET B 68 16.65 -2.76 4.26
N ARG B 69 15.85 -3.79 4.50
CA ARG B 69 15.78 -4.94 3.58
C ARG B 69 15.11 -4.56 2.25
N ILE B 70 14.00 -3.83 2.28
CA ILE B 70 13.30 -3.57 1.03
C ILE B 70 13.80 -2.30 0.35
N LEU B 71 14.09 -1.24 1.10
CA LEU B 71 14.43 0.03 0.46
C LEU B 71 15.91 0.37 0.57
N GLY B 72 16.74 -0.59 1.00
CA GLY B 72 18.17 -0.36 1.05
C GLY B 72 18.58 0.84 1.87
N VAL B 73 17.78 1.19 2.88
CA VAL B 73 18.18 2.23 3.81
C VAL B 73 19.40 1.75 4.59
N ARG B 74 20.44 2.58 4.63
CA ARG B 74 21.69 2.15 5.24
C ARG B 74 21.54 2.09 6.77
N PRO B 75 22.06 1.04 7.41
CA PRO B 75 21.94 0.95 8.87
C PRO B 75 22.54 2.14 9.60
N GLU B 76 23.57 2.79 9.04
CA GLU B 76 24.20 3.92 9.69
C GLU B 76 23.40 5.20 9.50
N THR B 77 22.71 5.35 8.37
CA THR B 77 21.73 6.43 8.25
C THR B 77 20.72 6.37 9.38
N LEU B 78 20.19 5.17 9.65
CA LEU B 78 19.26 5.00 10.76
C LEU B 78 19.94 5.23 12.11
N GLU B 79 21.20 4.80 12.25
CA GLU B 79 21.95 5.01 13.49
C GLU B 79 22.14 6.49 13.77
N ARG B 80 22.60 7.23 12.76
CA ARG B 80 22.90 8.65 12.94
C ARG B 80 21.63 9.48 13.10
N PHE B 81 20.61 9.22 12.27
CA PHE B 81 19.51 10.16 12.10
C PHE B 81 18.12 9.65 12.46
N THR B 82 17.95 8.36 12.76
CA THR B 82 16.67 7.67 12.94
C THR B 82 15.85 7.55 11.66
N ALA B 83 14.77 6.74 11.72
CA ALA B 83 13.91 6.56 10.57
C ALA B 83 13.17 7.84 10.21
N VAL B 84 12.91 8.70 11.18
CA VAL B 84 12.19 9.94 10.94
C VAL B 84 13.26 11.03 10.78
N SER B 85 13.73 11.20 9.55
CA SER B 85 14.72 12.21 9.22
C SER B 85 14.69 12.42 7.72
N GLU B 86 15.23 13.56 7.29
CA GLU B 86 15.32 13.82 5.86
C GLU B 86 16.33 12.91 5.18
N GLN B 87 17.31 12.39 5.94
CA GLN B 87 18.28 11.46 5.38
C GLN B 87 17.64 10.11 5.07
N THR B 88 16.88 9.56 6.01
CA THR B 88 16.18 8.31 5.73
C THR B 88 15.23 8.45 4.53
N VAL B 89 14.42 9.52 4.50
CA VAL B 89 13.44 9.59 3.42
C VAL B 89 14.12 9.82 2.08
N THR B 90 15.28 10.48 2.07
CA THR B 90 16.04 10.60 0.83
C THR B 90 16.44 9.23 0.30
N GLU B 91 16.86 8.34 1.20
CA GLU B 91 17.20 6.99 0.77
C GLU B 91 15.96 6.21 0.35
N MET B 92 14.89 6.28 1.16
CA MET B 92 13.63 5.65 0.76
C MET B 92 13.19 6.14 -0.61
N ALA B 93 13.21 7.45 -0.83
CA ALA B 93 12.68 7.96 -2.09
C ALA B 93 13.53 7.51 -3.28
N ALA B 94 14.84 7.42 -3.09
CA ALA B 94 15.70 7.01 -4.20
C ALA B 94 15.49 5.53 -4.51
N SER B 95 15.41 4.69 -3.46
CA SER B 95 15.21 3.26 -3.65
C SER B 95 13.91 3.00 -4.39
N ILE B 96 12.79 3.54 -3.88
CA ILE B 96 11.50 3.17 -4.46
C ILE B 96 11.40 3.67 -5.90
N ARG B 97 12.04 4.80 -6.22
CA ARG B 97 12.01 5.27 -7.60
C ARG B 97 12.72 4.29 -8.51
N ASP B 98 13.81 3.70 -8.04
CA ASP B 98 14.51 2.69 -8.81
C ASP B 98 13.68 1.42 -8.91
N ILE B 99 13.19 0.93 -7.76
CA ILE B 99 12.37 -0.28 -7.73
C ILE B 99 11.23 -0.18 -8.74
N ALA B 100 10.57 0.98 -8.80
CA ALA B 100 9.42 1.17 -9.67
C ALA B 100 9.79 1.67 -11.07
N GLN B 101 11.05 1.98 -11.31
CA GLN B 101 11.48 2.59 -12.57
C GLN B 101 10.60 3.80 -12.90
N ALA B 102 10.40 4.65 -11.90
CA ALA B 102 9.54 5.81 -12.02
C ALA B 102 10.38 7.07 -12.28
N ASP B 103 9.72 8.09 -12.81
CA ASP B 103 10.37 9.39 -12.95
C ASP B 103 10.42 10.13 -11.63
N ILE B 104 9.35 10.02 -10.84
CA ILE B 104 9.18 10.76 -9.59
C ILE B 104 8.80 9.80 -8.48
N SER B 105 9.35 10.02 -7.29
CA SER B 105 8.94 9.31 -6.09
C SER B 105 8.68 10.28 -4.95
N ILE B 106 7.75 9.90 -4.07
CA ILE B 106 7.53 10.57 -2.79
C ILE B 106 7.77 9.55 -1.70
N ALA B 107 8.52 9.93 -0.68
CA ALA B 107 8.69 9.11 0.52
C ALA B 107 8.28 9.93 1.73
N ILE B 108 7.58 9.29 2.65
CA ILE B 108 7.11 9.93 3.88
C ILE B 108 7.50 9.04 5.04
N SER B 109 8.08 9.63 6.09
CA SER B 109 8.39 8.91 7.30
C SER B 109 8.15 9.80 8.50
N GLY B 110 7.38 9.34 9.48
CA GLY B 110 7.07 10.23 10.58
C GLY B 110 6.49 9.49 11.76
N TYR B 111 6.24 10.26 12.82
CA TYR B 111 5.51 9.79 14.00
C TYR B 111 4.12 10.40 13.93
N ALA B 112 3.15 9.62 13.44
CA ALA B 112 1.79 10.13 13.32
C ALA B 112 1.14 10.33 14.68
N GLY B 113 1.53 9.55 15.69
CA GLY B 113 1.06 9.73 17.04
C GLY B 113 0.27 8.54 17.54
N PRO B 114 -0.11 8.53 18.84
CA PRO B 114 0.14 9.57 19.85
C PRO B 114 1.57 9.61 20.40
N GLU B 115 2.27 8.48 20.35
CA GLU B 115 3.65 8.45 20.84
C GLU B 115 4.56 9.22 19.89
N GLY B 116 5.60 9.83 20.48
CA GLY B 116 6.67 10.44 19.72
C GLY B 116 7.79 9.44 19.51
N GLY B 117 8.97 9.96 19.16
CA GLY B 117 10.12 9.10 18.99
C GLY B 117 10.78 8.72 20.32
N ASP B 118 11.62 7.68 20.26
CA ASP B 118 12.38 7.28 21.43
C ASP B 118 13.35 8.38 21.85
N ASP B 119 13.92 9.08 20.88
CA ASP B 119 14.77 10.23 21.13
C ASP B 119 13.99 11.49 21.50
N GLY B 120 12.69 11.34 21.79
CA GLY B 120 11.88 12.47 22.22
C GLY B 120 11.45 13.42 21.14
N THR B 121 11.48 13.02 19.88
CA THR B 121 10.90 13.85 18.83
C THR B 121 9.39 13.93 19.02
N ALA B 122 8.83 15.11 18.81
CA ALA B 122 7.41 15.33 19.05
C ALA B 122 6.57 14.47 18.10
N ALA B 123 5.53 13.85 18.66
CA ALA B 123 4.48 13.29 17.83
C ALA B 123 3.99 14.33 16.84
N GLY B 124 3.69 13.90 15.62
CA GLY B 124 3.30 14.84 14.60
C GLY B 124 4.43 15.33 13.73
N THR B 125 5.68 14.95 14.06
CA THR B 125 6.83 15.24 13.21
C THR B 125 6.85 14.27 12.03
N VAL B 126 6.91 14.82 10.82
CA VAL B 126 6.85 14.00 9.62
C VAL B 126 7.90 14.53 8.64
N CYS B 127 8.73 13.63 8.09
CA CYS B 127 9.70 13.98 7.07
C CYS B 127 9.24 13.51 5.70
N PHE B 128 9.53 14.32 4.68
CA PHE B 128 9.13 14.08 3.30
C PHE B 128 10.35 14.18 2.40
N ALA B 129 10.36 13.37 1.34
CA ALA B 129 11.31 13.54 0.24
C ALA B 129 10.56 13.43 -1.07
N TRP B 130 10.84 14.37 -1.98
CA TRP B 130 10.39 14.32 -3.36
C TRP B 130 11.62 14.16 -4.25
N ASN B 131 11.66 13.08 -5.00
CA ASN B 131 12.75 12.81 -5.93
C ASN B 131 12.20 12.95 -7.34
N ILE B 132 12.63 13.99 -8.06
CA ILE B 132 12.17 14.25 -9.42
C ILE B 132 13.35 14.04 -10.37
N ARG B 133 13.33 12.93 -11.11
CA ARG B 133 14.41 12.60 -12.06
C ARG B 133 15.78 12.64 -11.38
N GLY B 134 15.86 12.15 -10.14
CA GLY B 134 17.12 12.14 -9.42
C GLY B 134 17.42 13.37 -8.59
N GLU B 135 16.65 14.46 -8.76
CA GLU B 135 16.77 15.65 -7.92
C GLU B 135 15.84 15.52 -6.72
N THR B 136 16.39 15.57 -5.51
CA THR B 136 15.61 15.39 -4.29
C THR B 136 15.47 16.68 -3.49
N GLU B 137 14.23 17.03 -3.13
CA GLU B 137 13.92 18.01 -2.10
C GLU B 137 13.39 17.31 -0.86
N THR B 138 13.75 17.80 0.33
CA THR B 138 13.24 17.23 1.57
C THR B 138 12.67 18.33 2.48
N ARG B 139 11.80 17.92 3.39
CA ARG B 139 11.24 18.81 4.39
C ARG B 139 10.89 18.04 5.64
N THR B 140 10.94 18.73 6.78
CA THR B 140 10.46 18.21 8.06
C THR B 140 9.34 19.12 8.55
N MET B 141 8.15 18.53 8.76
CA MET B 141 6.97 19.26 9.17
C MET B 141 6.54 18.77 10.55
N LEU B 142 5.96 19.67 11.34
CA LEU B 142 5.34 19.30 12.60
C LEU B 142 3.86 19.63 12.51
N PHE B 143 3.01 18.61 12.66
CA PHE B 143 1.58 18.77 12.49
C PHE B 143 0.85 18.60 13.83
N SER B 144 -0.14 19.45 14.07
CA SER B 144 -1.02 19.30 15.22
C SER B 144 -2.09 18.24 14.95
N GLY B 145 -2.71 17.76 16.02
CA GLY B 145 -3.89 16.91 15.94
C GLY B 145 -3.57 15.49 16.36
N ASP B 146 -4.61 14.65 16.31
CA ASP B 146 -4.41 13.23 16.58
C ASP B 146 -3.78 12.57 15.33
N CYS B 147 -3.61 11.25 15.38
N CYS B 147 -3.61 11.25 15.40
CA CYS B 147 -2.86 10.59 14.32
CA CYS B 147 -2.90 10.52 14.34
C CYS B 147 -3.57 10.68 12.97
C CYS B 147 -3.58 10.71 12.99
N GLN B 148 -4.91 10.63 12.97
CA GLN B 148 -5.63 10.76 11.70
C GLN B 148 -5.50 12.18 11.13
N ASP B 149 -5.48 13.20 11.99
CA ASP B 149 -5.22 14.56 11.54
C ASP B 149 -3.84 14.66 10.91
N VAL B 150 -2.82 14.16 11.61
CA VAL B 150 -1.46 14.21 11.09
C VAL B 150 -1.38 13.53 9.73
N VAL B 151 -2.00 12.34 9.61
CA VAL B 151 -1.93 11.60 8.35
C VAL B 151 -2.60 12.38 7.23
N GLU B 152 -3.78 12.96 7.52
CA GLU B 152 -4.49 13.73 6.51
C GLU B 152 -3.63 14.91 6.03
N LYS B 153 -3.03 15.65 6.97
CA LYS B 153 -2.19 16.79 6.59
C LYS B 153 -0.94 16.35 5.85
N ALA B 154 -0.33 15.24 6.26
CA ALA B 154 0.86 14.75 5.58
C ALA B 154 0.56 14.38 4.14
N VAL B 155 -0.54 13.68 3.91
CA VAL B 155 -0.93 13.30 2.55
C VAL B 155 -1.15 14.54 1.70
N HIS B 156 -1.91 15.50 2.24
CA HIS B 156 -2.21 16.72 1.52
C HIS B 156 -0.92 17.47 1.16
N PHE B 157 -0.04 17.64 2.14
CA PHE B 157 1.21 18.36 1.93
C PHE B 157 2.08 17.67 0.88
N SER B 158 2.24 16.35 0.96
CA SER B 158 3.10 15.65 0.01
C SER B 158 2.62 15.88 -1.42
N LEU B 159 1.30 15.88 -1.62
CA LEU B 159 0.75 16.15 -2.95
C LEU B 159 0.89 17.62 -3.33
N ALA B 160 0.60 18.53 -2.39
CA ALA B 160 0.63 19.96 -2.70
C ALA B 160 2.04 20.43 -3.03
N GLU B 161 3.04 19.93 -2.30
CA GLU B 161 4.42 20.29 -2.59
C GLU B 161 4.85 19.79 -3.96
N LEU B 162 4.48 18.55 -4.33
CA LEU B 162 4.86 18.05 -5.64
C LEU B 162 4.22 18.89 -6.74
N LEU B 163 2.95 19.24 -6.57
CA LEU B 163 2.29 20.07 -7.57
C LEU B 163 3.00 21.41 -7.71
N ALA B 164 3.45 22.00 -6.60
CA ALA B 164 4.16 23.28 -6.65
C ALA B 164 5.47 23.15 -7.41
N ALA B 165 6.27 22.12 -7.09
CA ALA B 165 7.53 21.91 -7.79
C ALA B 165 7.33 21.73 -9.29
N LEU B 166 6.20 21.17 -9.71
CA LEU B 166 5.91 21.02 -11.13
C LEU B 166 5.20 22.24 -11.71
N SER B 167 5.32 23.40 -11.05
CA SER B 167 4.76 24.69 -11.48
C SER B 167 4.52 24.85 -12.98
#